data_8G84
#
_entry.id   8G84
#
_cell.length_a   76.379
_cell.length_b   187.205
_cell.length_c   65.365
_cell.angle_alpha   90
_cell.angle_beta   90
_cell.angle_gamma   90
#
_symmetry.space_group_name_H-M   'P 21 21 2'
#
loop_
_entity.id
_entity.type
_entity.pdbx_description
1 polymer 'Hydroxysteroid 17-beta dehydrogenase 13'
2 non-polymer NICOTINAMIDE-ADENINE-DINUCLEOTIDE
3 water water
#
_entity_poly.entity_id   1
_entity_poly.type   'polypeptide(L)'
_entity_poly.pdbx_seq_one_letter_code
;MGNIILDLLLLLLTIIYSYLEALVKVFFPRKRKSVAGEIVLITGAGHGIGRWTAYEFAKQKSRLVLWDINKHGVEETAAE
CRKLGATVHTFVVDCGNREDIYNSVKQVKKEVGDVTILVNNAGTVYPADLLSTKDEEITKTFEINILGHFWITKALLPSM
IKRNHGHIVTVASVCGHGVIPYLIPYCSSKFAAVGFHRALTLELQTLGITGIKTSCLCPVFVNTGFTKNPSTRLWPILET
DTVARSLIDGILTNKKMIFVPSYYNIYLILDKFLPERALAAINHLQNIQFEAVIGHKTRMKGSGHHHHHHHHHHH
;
_entity_poly.pdbx_strand_id   A,B
#
loop_
_chem_comp.id
_chem_comp.type
_chem_comp.name
_chem_comp.formula
NAD non-polymer NICOTINAMIDE-ADENINE-DINUCLEOTIDE 'C21 H27 N7 O14 P2'
#
# COMPACT_ATOMS: atom_id res chain seq x y z
N ASN A 3 6.50 -29.85 -10.31
CA ASN A 3 5.42 -29.76 -9.33
C ASN A 3 5.84 -30.46 -8.04
N ILE A 4 6.22 -31.73 -8.10
CA ILE A 4 6.76 -32.43 -6.94
C ILE A 4 8.21 -31.93 -6.73
N ILE A 5 8.94 -31.73 -7.84
CA ILE A 5 10.30 -31.22 -7.82
C ILE A 5 10.32 -29.71 -7.52
N LEU A 6 9.25 -28.97 -7.84
CA LEU A 6 9.15 -27.55 -7.47
C LEU A 6 9.07 -27.47 -5.92
N ASP A 7 8.30 -28.37 -5.32
CA ASP A 7 8.11 -28.51 -3.89
C ASP A 7 9.46 -28.70 -3.20
N LEU A 8 10.26 -29.66 -3.68
CA LEU A 8 11.58 -29.99 -3.13
C LEU A 8 12.58 -28.88 -3.32
N LEU A 9 12.49 -28.16 -4.45
CA LEU A 9 13.36 -27.03 -4.75
C LEU A 9 13.11 -25.91 -3.73
N LEU A 10 11.82 -25.61 -3.49
CA LEU A 10 11.40 -24.59 -2.55
C LEU A 10 11.77 -24.94 -1.13
N LEU A 11 11.71 -26.23 -0.78
CA LEU A 11 12.11 -26.73 0.53
C LEU A 11 13.63 -26.59 0.70
N LEU A 12 14.42 -26.95 -0.33
CA LEU A 12 15.88 -26.84 -0.22
C LEU A 12 16.34 -25.39 -0.17
N LEU A 13 15.68 -24.48 -0.90
CA LEU A 13 16.03 -23.07 -0.85
C LEU A 13 15.72 -22.52 0.55
N THR A 14 14.58 -22.91 1.12
CA THR A 14 14.13 -22.54 2.46
C THR A 14 15.15 -23.00 3.50
N ILE A 15 15.66 -24.24 3.33
CA ILE A 15 16.66 -24.82 4.22
C ILE A 15 18.00 -24.10 4.08
N ILE A 16 18.40 -23.78 2.85
CA ILE A 16 19.65 -23.07 2.62
C ILE A 16 19.60 -21.66 3.25
N TYR A 17 18.50 -20.90 3.04
CA TYR A 17 18.34 -19.56 3.63
C TYR A 17 18.41 -19.63 5.16
N SER A 18 17.64 -20.56 5.78
CA SER A 18 17.60 -20.71 7.22
C SER A 18 18.98 -20.98 7.81
N TYR A 19 19.75 -21.88 7.19
CA TYR A 19 21.08 -22.20 7.69
C TYR A 19 22.03 -21.01 7.52
N LEU A 20 22.03 -20.40 6.34
CA LEU A 20 22.94 -19.32 6.00
C LEU A 20 22.70 -18.09 6.85
N GLU A 21 21.43 -17.76 7.14
CA GLU A 21 21.13 -16.61 7.98
C GLU A 21 21.56 -16.86 9.42
N ALA A 22 21.36 -18.07 9.93
CA ALA A 22 21.79 -18.43 11.28
C ALA A 22 23.32 -18.38 11.41
N LEU A 23 24.04 -18.64 10.31
CA LEU A 23 25.50 -18.61 10.24
C LEU A 23 25.98 -17.16 10.24
N VAL A 24 25.28 -16.27 9.53
CA VAL A 24 25.63 -14.84 9.49
C VAL A 24 25.36 -14.19 10.85
N LYS A 25 24.36 -14.68 11.60
CA LYS A 25 24.05 -14.17 12.95
C LYS A 25 25.12 -14.50 14.01
N VAL A 26 26.09 -15.35 13.67
CA VAL A 26 27.19 -15.72 14.57
C VAL A 26 28.48 -15.06 14.04
N PHE A 27 28.70 -15.10 12.71
CA PHE A 27 29.87 -14.53 12.04
C PHE A 27 29.88 -13.00 12.06
N PHE A 28 28.77 -12.36 11.68
CA PHE A 28 28.67 -10.90 11.67
C PHE A 28 27.43 -10.46 12.44
N PRO A 29 27.48 -10.49 13.78
CA PRO A 29 26.29 -10.10 14.55
C PRO A 29 26.08 -8.58 14.57
N ARG A 30 24.82 -8.13 14.56
CA ARG A 30 24.51 -6.71 14.63
C ARG A 30 24.52 -6.26 16.10
N LYS A 31 24.90 -5.00 16.39
CA LYS A 31 24.93 -4.53 17.78
C LYS A 31 23.52 -4.27 18.32
N ARG A 32 23.24 -4.79 19.52
CA ARG A 32 21.95 -4.60 20.16
C ARG A 32 22.01 -3.38 21.05
N LYS A 33 21.01 -2.54 20.97
CA LYS A 33 20.91 -1.37 21.81
C LYS A 33 20.08 -1.73 23.06
N SER A 34 20.08 -0.82 24.06
CA SER A 34 19.29 -1.02 25.26
C SER A 34 17.99 -0.25 25.13
N VAL A 35 16.90 -0.84 25.59
CA VAL A 35 15.61 -0.14 25.63
C VAL A 35 15.11 0.01 27.09
N ALA A 36 16.00 -0.20 28.09
CA ALA A 36 15.69 -0.07 29.51
C ALA A 36 15.37 1.39 29.80
N GLY A 37 14.24 1.63 30.44
CA GLY A 37 13.84 2.98 30.77
C GLY A 37 13.07 3.72 29.69
N GLU A 38 12.96 3.13 28.48
CA GLU A 38 12.20 3.77 27.40
C GLU A 38 10.71 3.65 27.70
N ILE A 39 9.91 4.63 27.27
CA ILE A 39 8.46 4.55 27.43
C ILE A 39 7.91 3.96 26.15
N VAL A 40 7.51 2.68 26.20
CA VAL A 40 7.02 1.95 25.05
C VAL A 40 5.49 1.85 25.00
N LEU A 41 4.87 2.41 23.96
CA LEU A 41 3.43 2.30 23.79
C LEU A 41 3.12 1.21 22.78
N ILE A 42 2.37 0.17 23.19
CA ILE A 42 2.01 -0.92 22.28
C ILE A 42 0.51 -0.92 22.09
N THR A 43 0.01 -0.75 20.86
CA THR A 43 -1.44 -0.82 20.62
C THR A 43 -1.83 -2.26 20.32
N GLY A 44 -3.05 -2.64 20.65
CA GLY A 44 -3.50 -4.02 20.47
C GLY A 44 -2.76 -4.97 21.40
N ALA A 45 -2.30 -4.47 22.58
CA ALA A 45 -1.53 -5.26 23.55
C ALA A 45 -2.35 -6.22 24.42
N GLY A 46 -3.64 -6.33 24.16
CA GLY A 46 -4.51 -7.19 24.94
C GLY A 46 -4.48 -8.65 24.53
N HIS A 47 -3.78 -8.99 23.43
CA HIS A 47 -3.72 -10.37 22.94
C HIS A 47 -2.68 -10.47 21.80
N GLY A 48 -2.33 -11.70 21.45
CA GLY A 48 -1.46 -12.03 20.32
C GLY A 48 -0.09 -11.39 20.28
N ILE A 49 0.30 -10.90 19.10
CA ILE A 49 1.60 -10.30 18.88
C ILE A 49 1.86 -9.12 19.83
N GLY A 50 0.85 -8.28 20.05
CA GLY A 50 1.00 -7.13 20.94
C GLY A 50 1.28 -7.54 22.37
N ARG A 51 0.60 -8.61 22.84
CA ARG A 51 0.74 -9.12 24.18
C ARG A 51 2.15 -9.66 24.43
N TRP A 52 2.63 -10.53 23.51
CA TRP A 52 3.94 -11.13 23.66
C TRP A 52 5.06 -10.14 23.38
N THR A 53 4.79 -9.07 22.61
CA THR A 53 5.78 -8.00 22.40
C THR A 53 5.91 -7.20 23.70
N ALA A 54 4.79 -6.96 24.43
CA ALA A 54 4.81 -6.32 25.74
C ALA A 54 5.64 -7.13 26.72
N TYR A 55 5.54 -8.47 26.67
CA TYR A 55 6.34 -9.33 27.53
C TYR A 55 7.83 -9.19 27.23
N GLU A 56 8.19 -9.09 25.94
CA GLU A 56 9.59 -8.92 25.53
C GLU A 56 10.16 -7.59 26.02
N PHE A 57 9.36 -6.51 25.92
CA PHE A 57 9.76 -5.20 26.40
C PHE A 57 9.81 -5.14 27.92
N ALA A 58 8.99 -5.96 28.64
CA ALA A 58 9.02 -6.05 30.10
C ALA A 58 10.34 -6.68 30.53
N LYS A 59 10.79 -7.74 29.82
CA LYS A 59 12.07 -8.39 30.07
C LYS A 59 13.26 -7.45 29.75
N GLN A 60 13.06 -6.52 28.78
CA GLN A 60 14.04 -5.51 28.40
C GLN A 60 14.10 -4.32 29.37
N LYS A 61 13.22 -4.28 30.39
CA LYS A 61 13.16 -3.27 31.44
C LYS A 61 12.66 -1.90 30.96
N SER A 62 11.71 -1.89 30.02
CA SER A 62 11.13 -0.64 29.54
C SER A 62 9.87 -0.29 30.36
N ARG A 63 9.44 0.98 30.33
CA ARG A 63 8.21 1.41 30.98
C ARG A 63 7.12 1.17 29.94
N LEU A 64 6.07 0.43 30.28
CA LEU A 64 5.03 0.08 29.30
C LEU A 64 3.75 0.87 29.37
N VAL A 65 3.21 1.25 28.22
CA VAL A 65 1.92 1.91 28.08
C VAL A 65 1.16 1.02 27.09
N LEU A 66 0.15 0.31 27.58
CA LEU A 66 -0.58 -0.64 26.75
C LEU A 66 -1.96 -0.13 26.39
N TRP A 67 -2.30 -0.20 25.09
CA TRP A 67 -3.59 0.26 24.58
C TRP A 67 -4.35 -0.88 23.94
N ASP A 68 -5.67 -0.92 24.14
CA ASP A 68 -6.54 -1.92 23.53
C ASP A 68 -8.02 -1.56 23.77
N ILE A 69 -8.92 -2.05 22.91
CA ILE A 69 -10.37 -1.88 23.12
C ILE A 69 -10.89 -2.93 24.15
N ASN A 70 -10.17 -4.06 24.30
CA ASN A 70 -10.47 -5.14 25.24
C ASN A 70 -9.75 -4.84 26.56
N LYS A 71 -10.49 -4.27 27.54
CA LYS A 71 -9.99 -3.92 28.87
C LYS A 71 -9.52 -5.16 29.63
N HIS A 72 -10.27 -6.26 29.54
CA HIS A 72 -9.91 -7.49 30.23
C HIS A 72 -8.56 -8.06 29.78
N GLY A 73 -8.36 -8.06 28.47
CA GLY A 73 -7.16 -8.58 27.84
C GLY A 73 -5.95 -7.74 28.14
N VAL A 74 -6.10 -6.41 28.01
CA VAL A 74 -4.97 -5.53 28.25
C VAL A 74 -4.56 -5.57 29.75
N GLU A 75 -5.52 -5.79 30.67
CA GLU A 75 -5.19 -5.93 32.11
C GLU A 75 -4.50 -7.26 32.42
N GLU A 76 -4.82 -8.30 31.65
CA GLU A 76 -4.21 -9.61 31.78
C GLU A 76 -2.76 -9.54 31.28
N THR A 77 -2.49 -8.79 30.19
CA THR A 77 -1.12 -8.59 29.70
C THR A 77 -0.32 -7.80 30.74
N ALA A 78 -0.88 -6.68 31.24
CA ALA A 78 -0.22 -5.83 32.23
C ALA A 78 0.15 -6.59 33.48
N ALA A 79 -0.72 -7.52 33.91
CA ALA A 79 -0.47 -8.35 35.10
C ALA A 79 0.79 -9.20 34.93
N GLU A 80 0.99 -9.74 33.72
CA GLU A 80 2.15 -10.56 33.42
C GLU A 80 3.40 -9.72 33.25
N CYS A 81 3.28 -8.53 32.66
CA CYS A 81 4.40 -7.61 32.55
C CYS A 81 4.87 -7.17 33.94
N ARG A 82 3.93 -6.97 34.88
CA ARG A 82 4.28 -6.59 36.24
C ARG A 82 4.99 -7.74 36.98
N LYS A 83 4.65 -9.01 36.67
CA LYS A 83 5.35 -10.17 37.22
C LYS A 83 6.81 -10.18 36.70
N LEU A 84 7.01 -9.79 35.43
CA LEU A 84 8.34 -9.67 34.84
C LEU A 84 9.16 -8.47 35.41
N GLY A 85 8.58 -7.70 36.32
CA GLY A 85 9.23 -6.57 36.98
C GLY A 85 9.01 -5.22 36.33
N ALA A 86 8.08 -5.12 35.37
CA ALA A 86 7.87 -3.88 34.64
C ALA A 86 6.78 -2.97 35.20
N THR A 87 6.92 -1.66 34.96
CA THR A 87 5.92 -0.66 35.35
C THR A 87 5.03 -0.47 34.13
N VAL A 88 3.75 -0.80 34.30
CA VAL A 88 2.78 -0.81 33.20
C VAL A 88 1.61 0.13 33.47
N HIS A 89 1.19 0.84 32.44
CA HIS A 89 0.03 1.71 32.47
C HIS A 89 -0.91 1.22 31.38
N THR A 90 -2.16 0.88 31.71
CA THR A 90 -3.11 0.41 30.71
C THR A 90 -4.17 1.48 30.40
N PHE A 91 -4.55 1.59 29.13
CA PHE A 91 -5.57 2.54 28.72
C PHE A 91 -6.49 1.85 27.71
N VAL A 92 -7.80 2.00 27.88
CA VAL A 92 -8.77 1.44 26.92
C VAL A 92 -8.98 2.46 25.82
N VAL A 93 -8.43 2.19 24.62
CA VAL A 93 -8.45 3.14 23.51
C VAL A 93 -8.85 2.48 22.23
N ASP A 94 -9.76 3.10 21.46
CA ASP A 94 -10.11 2.62 20.14
C ASP A 94 -9.05 3.22 19.24
N CYS A 95 -8.15 2.39 18.73
CA CYS A 95 -7.04 2.84 17.91
C CYS A 95 -7.41 3.11 16.44
N GLY A 96 -8.70 3.10 16.15
CA GLY A 96 -9.23 3.49 14.85
C GLY A 96 -9.97 4.81 14.94
N ASN A 97 -10.16 5.35 16.17
CA ASN A 97 -10.88 6.58 16.45
C ASN A 97 -9.92 7.71 16.79
N ARG A 98 -9.80 8.68 15.89
CA ARG A 98 -8.91 9.82 16.00
C ARG A 98 -9.13 10.65 17.27
N GLU A 99 -10.39 10.95 17.59
CA GLU A 99 -10.71 11.74 18.80
C GLU A 99 -10.24 10.99 20.05
N ASP A 100 -10.52 9.66 20.12
CA ASP A 100 -10.15 8.80 21.23
C ASP A 100 -8.64 8.75 21.38
N ILE A 101 -7.93 8.61 20.25
CA ILE A 101 -6.47 8.59 20.24
C ILE A 101 -5.88 9.88 20.86
N TYR A 102 -6.28 11.06 20.35
CA TYR A 102 -5.73 12.32 20.85
C TYR A 102 -6.03 12.60 22.30
N ASN A 103 -7.24 12.25 22.75
CA ASN A 103 -7.63 12.42 24.13
C ASN A 103 -6.78 11.54 25.03
N SER A 104 -6.50 10.29 24.60
CA SER A 104 -5.72 9.33 25.36
C SER A 104 -4.25 9.69 25.39
N VAL A 105 -3.72 10.32 24.33
CA VAL A 105 -2.33 10.79 24.32
C VAL A 105 -2.15 11.88 25.40
N LYS A 106 -3.16 12.74 25.59
CA LYS A 106 -3.15 13.76 26.63
C LYS A 106 -3.04 13.10 28.03
N GLN A 107 -3.73 11.95 28.23
CA GLN A 107 -3.68 11.22 29.49
C GLN A 107 -2.34 10.58 29.67
N VAL A 108 -1.77 10.00 28.60
CA VAL A 108 -0.47 9.37 28.67
C VAL A 108 0.60 10.39 29.06
N LYS A 109 0.57 11.60 28.51
CA LYS A 109 1.56 12.63 28.83
C LYS A 109 1.44 13.07 30.28
N LYS A 110 0.20 13.18 30.76
CA LYS A 110 -0.09 13.61 32.12
C LYS A 110 0.29 12.54 33.16
N GLU A 111 -0.05 11.29 32.90
CA GLU A 111 0.19 10.21 33.85
C GLU A 111 1.51 9.47 33.71
N VAL A 112 2.06 9.39 32.50
CA VAL A 112 3.28 8.62 32.24
C VAL A 112 4.46 9.47 31.74
N GLY A 113 4.21 10.28 30.72
CA GLY A 113 5.25 11.11 30.14
C GLY A 113 5.29 11.00 28.62
N ASP A 114 6.45 11.28 28.03
CA ASP A 114 6.64 11.22 26.60
C ASP A 114 7.12 9.88 26.09
N VAL A 115 6.29 9.21 25.26
CA VAL A 115 6.57 7.93 24.63
C VAL A 115 7.81 8.05 23.75
N THR A 116 8.74 7.10 23.88
CA THR A 116 9.95 7.10 23.06
C THR A 116 9.95 5.96 22.05
N ILE A 117 9.21 4.86 22.31
CA ILE A 117 9.08 3.76 21.35
C ILE A 117 7.61 3.52 21.10
N LEU A 118 7.17 3.59 19.85
CA LEU A 118 5.77 3.36 19.50
C LEU A 118 5.63 2.09 18.66
N VAL A 119 4.81 1.14 19.10
CA VAL A 119 4.56 -0.08 18.34
C VAL A 119 3.11 -0.07 17.85
N ASN A 120 2.88 0.27 16.56
CA ASN A 120 1.53 0.28 15.99
C ASN A 120 1.15 -1.13 15.59
N ASN A 121 0.59 -1.89 16.54
CA ASN A 121 0.26 -3.29 16.36
C ASN A 121 -1.25 -3.56 16.11
N ALA A 122 -2.19 -2.86 16.78
CA ALA A 122 -3.63 -3.08 16.60
C ALA A 122 -4.03 -3.31 15.12
N GLY A 123 -4.83 -4.35 14.89
CA GLY A 123 -5.26 -4.70 13.55
C GLY A 123 -6.58 -5.42 13.51
N THR A 124 -7.21 -5.46 12.35
CA THR A 124 -8.49 -6.14 12.15
C THR A 124 -8.57 -6.76 10.76
N VAL A 125 -9.35 -7.82 10.64
CA VAL A 125 -9.53 -8.49 9.35
C VAL A 125 -10.92 -9.10 9.26
N TYR A 126 -11.54 -8.99 8.07
CA TYR A 126 -12.86 -9.56 7.82
C TYR A 126 -12.74 -10.35 6.52
N PRO A 127 -12.16 -11.58 6.61
CA PRO A 127 -11.95 -12.39 5.39
C PRO A 127 -13.24 -12.72 4.66
N ALA A 128 -13.29 -12.29 3.38
CA ALA A 128 -14.41 -12.43 2.45
C ALA A 128 -13.97 -12.00 1.06
N ASP A 129 -14.60 -12.55 0.01
CA ASP A 129 -14.33 -12.10 -1.35
C ASP A 129 -14.92 -10.66 -1.47
N LEU A 130 -14.43 -9.84 -2.41
CA LEU A 130 -14.86 -8.44 -2.56
C LEU A 130 -16.38 -8.23 -2.50
N LEU A 131 -17.17 -9.08 -3.20
CA LEU A 131 -18.61 -8.89 -3.20
C LEU A 131 -19.31 -9.42 -1.94
N SER A 132 -18.61 -10.15 -1.05
CA SER A 132 -19.16 -10.60 0.25
C SER A 132 -18.74 -9.69 1.41
N THR A 133 -17.93 -8.65 1.15
CA THR A 133 -17.50 -7.73 2.20
C THR A 133 -18.61 -6.77 2.55
N LYS A 134 -18.62 -6.26 3.78
CA LYS A 134 -19.55 -5.21 4.18
C LYS A 134 -18.76 -3.92 4.06
N ASP A 135 -19.39 -2.83 3.61
CA ASP A 135 -18.69 -1.55 3.46
C ASP A 135 -18.13 -1.02 4.78
N GLU A 136 -18.86 -1.27 5.87
CA GLU A 136 -18.49 -0.86 7.23
C GLU A 136 -17.20 -1.57 7.67
N GLU A 137 -17.04 -2.85 7.25
CA GLU A 137 -15.86 -3.69 7.52
C GLU A 137 -14.67 -3.19 6.71
N ILE A 138 -14.89 -2.73 5.47
CA ILE A 138 -13.82 -2.17 4.65
C ILE A 138 -13.29 -0.89 5.32
N THR A 139 -14.19 0.04 5.72
CA THR A 139 -13.72 1.27 6.35
C THR A 139 -13.04 0.99 7.67
N LYS A 140 -13.56 0.05 8.47
CA LYS A 140 -12.98 -0.29 9.76
C LYS A 140 -11.57 -0.85 9.61
N THR A 141 -11.32 -1.61 8.54
CA THR A 141 -10.01 -2.17 8.21
C THR A 141 -9.01 -1.03 7.99
N PHE A 142 -9.39 0.02 7.23
CA PHE A 142 -8.48 1.14 6.99
C PHE A 142 -8.33 2.05 8.20
N GLU A 143 -9.41 2.23 8.96
CA GLU A 143 -9.39 3.07 10.14
C GLU A 143 -8.43 2.55 11.19
N ILE A 144 -8.38 1.22 11.38
CA ILE A 144 -7.46 0.61 12.36
C ILE A 144 -6.08 0.30 11.76
N ASN A 145 -6.03 -0.40 10.60
CA ASN A 145 -4.78 -0.86 10.04
C ASN A 145 -3.86 0.21 9.50
N ILE A 146 -4.37 1.41 9.13
CA ILE A 146 -3.48 2.44 8.61
C ILE A 146 -3.79 3.83 9.17
N LEU A 147 -5.04 4.32 9.09
CA LEU A 147 -5.35 5.66 9.56
C LEU A 147 -5.01 5.87 11.05
N GLY A 148 -5.15 4.84 11.86
CA GLY A 148 -4.76 4.91 13.27
C GLY A 148 -3.27 5.15 13.48
N HIS A 149 -2.46 4.64 12.56
CA HIS A 149 -1.03 4.82 12.55
C HIS A 149 -0.70 6.29 12.34
N PHE A 150 -1.44 6.98 11.47
CA PHE A 150 -1.21 8.40 11.22
C PHE A 150 -1.51 9.20 12.47
N TRP A 151 -2.66 8.98 13.11
CA TRP A 151 -3.04 9.74 14.31
C TRP A 151 -2.09 9.54 15.48
N ILE A 152 -1.69 8.28 15.77
CA ILE A 152 -0.79 8.02 16.90
C ILE A 152 0.60 8.56 16.64
N THR A 153 1.11 8.31 15.44
CA THR A 153 2.44 8.80 15.07
C THR A 153 2.50 10.34 15.11
N LYS A 154 1.47 11.06 14.59
CA LYS A 154 1.45 12.53 14.62
C LYS A 154 1.40 13.08 16.04
N ALA A 155 0.74 12.35 16.95
CA ALA A 155 0.62 12.76 18.33
C ALA A 155 1.91 12.55 19.11
N LEU A 156 2.65 11.47 18.78
CA LEU A 156 3.85 11.10 19.53
C LEU A 156 5.18 11.54 18.94
N LEU A 157 5.23 11.80 17.63
CA LEU A 157 6.44 12.24 16.92
C LEU A 157 7.00 13.57 17.41
N PRO A 158 6.18 14.61 17.70
CA PRO A 158 6.76 15.90 18.11
C PRO A 158 7.83 15.85 19.22
N SER A 159 7.57 15.04 20.26
CA SER A 159 8.49 14.87 21.36
C SER A 159 9.76 14.15 20.89
N MET A 160 9.61 13.12 20.04
CA MET A 160 10.74 12.35 19.53
C MET A 160 11.65 13.23 18.68
N ILE A 161 11.07 14.13 17.89
CA ILE A 161 11.84 15.04 17.06
C ILE A 161 12.58 16.04 17.95
N LYS A 162 11.91 16.56 18.98
CA LYS A 162 12.53 17.52 19.91
C LYS A 162 13.76 16.92 20.59
N ARG A 163 13.68 15.65 20.99
CA ARG A 163 14.81 15.00 21.67
C ARG A 163 15.75 14.26 20.70
N ASN A 164 15.41 14.20 19.39
CA ASN A 164 16.12 13.47 18.35
C ASN A 164 16.31 12.01 18.79
N HIS A 165 15.23 11.40 19.28
CA HIS A 165 15.30 10.06 19.83
C HIS A 165 13.94 9.39 19.83
N GLY A 166 13.83 8.29 19.10
CA GLY A 166 12.59 7.54 19.05
C GLY A 166 12.68 6.29 18.21
N HIS A 167 11.62 5.50 18.22
CA HIS A 167 11.53 4.31 17.38
C HIS A 167 10.07 4.08 17.03
N ILE A 168 9.73 4.11 15.74
CA ILE A 168 8.35 3.86 15.26
C ILE A 168 8.32 2.46 14.62
N VAL A 169 7.56 1.54 15.20
CA VAL A 169 7.43 0.19 14.69
C VAL A 169 6.05 0.07 14.05
N THR A 170 5.99 -0.37 12.81
CA THR A 170 4.74 -0.57 12.10
C THR A 170 4.53 -2.04 11.94
N VAL A 171 3.47 -2.61 12.53
CA VAL A 171 3.20 -4.03 12.31
C VAL A 171 2.35 -4.13 11.06
N ALA A 172 2.93 -4.59 9.96
CA ALA A 172 2.19 -4.72 8.71
C ALA A 172 1.87 -6.25 8.46
N SER A 173 2.47 -6.96 7.50
CA SER A 173 2.19 -8.35 7.21
C SER A 173 2.96 -8.66 5.91
N VAL A 174 3.07 -9.95 5.53
CA VAL A 174 3.59 -10.27 4.20
C VAL A 174 2.53 -9.80 3.15
N CYS A 175 1.25 -9.61 3.56
CA CYS A 175 0.16 -9.04 2.76
C CYS A 175 0.39 -7.58 2.36
N GLY A 176 1.44 -6.94 2.88
CA GLY A 176 1.85 -5.60 2.51
C GLY A 176 2.89 -5.57 1.40
N HIS A 177 3.32 -6.76 0.94
CA HIS A 177 4.32 -6.98 -0.11
C HIS A 177 3.74 -7.90 -1.20
N GLY A 178 3.07 -8.96 -0.77
CA GLY A 178 2.38 -9.92 -1.61
C GLY A 178 0.89 -9.90 -1.31
N VAL A 179 0.08 -10.60 -2.10
CA VAL A 179 -1.37 -10.59 -1.90
C VAL A 179 -1.94 -11.98 -1.73
N ILE A 180 -3.10 -12.06 -1.08
CA ILE A 180 -3.81 -13.31 -0.83
C ILE A 180 -5.26 -13.11 -1.23
N PRO A 181 -5.90 -14.06 -1.93
CA PRO A 181 -7.33 -13.88 -2.30
C PRO A 181 -8.24 -13.83 -1.06
N TYR A 182 -9.40 -13.20 -1.19
CA TYR A 182 -10.37 -13.08 -0.07
C TYR A 182 -9.88 -12.16 1.05
N LEU A 183 -8.84 -11.34 0.77
CA LEU A 183 -8.24 -10.39 1.70
C LEU A 183 -7.92 -9.08 0.95
N ILE A 184 -8.78 -8.64 -0.01
CA ILE A 184 -8.49 -7.41 -0.77
C ILE A 184 -8.38 -6.19 0.14
N PRO A 185 -9.38 -5.87 0.99
CA PRO A 185 -9.24 -4.69 1.87
C PRO A 185 -8.06 -4.80 2.85
N TYR A 186 -7.77 -6.02 3.31
CA TYR A 186 -6.70 -6.29 4.24
C TYR A 186 -5.35 -6.07 3.57
N CYS A 187 -5.13 -6.65 2.40
CA CYS A 187 -3.90 -6.48 1.66
C CYS A 187 -3.70 -5.03 1.28
N SER A 188 -4.77 -4.37 0.84
CA SER A 188 -4.74 -2.96 0.49
C SER A 188 -4.28 -2.09 1.67
N SER A 189 -4.85 -2.33 2.87
CA SER A 189 -4.49 -1.58 4.10
C SER A 189 -3.07 -1.94 4.60
N LYS A 190 -2.60 -3.18 4.36
CA LYS A 190 -1.28 -3.58 4.77
C LYS A 190 -0.20 -3.03 3.82
N PHE A 191 -0.55 -2.83 2.53
CA PHE A 191 0.34 -2.15 1.57
C PHE A 191 0.48 -0.70 2.01
N ALA A 192 -0.62 -0.06 2.44
CA ALA A 192 -0.61 1.31 2.93
C ALA A 192 0.28 1.44 4.17
N ALA A 193 0.36 0.39 5.03
CA ALA A 193 1.19 0.40 6.24
C ALA A 193 2.67 0.33 5.86
N VAL A 194 3.01 -0.50 4.86
CA VAL A 194 4.37 -0.61 4.35
C VAL A 194 4.80 0.73 3.69
N GLY A 195 3.90 1.30 2.88
CA GLY A 195 4.15 2.59 2.26
C GLY A 195 4.39 3.69 3.27
N PHE A 196 3.59 3.71 4.36
CA PHE A 196 3.73 4.68 5.45
C PHE A 196 5.10 4.53 6.11
N HIS A 197 5.52 3.29 6.45
CA HIS A 197 6.82 3.05 7.08
C HIS A 197 7.95 3.52 6.17
N ARG A 198 7.86 3.19 4.88
CA ARG A 198 8.91 3.53 3.92
C ARG A 198 9.02 5.04 3.70
N ALA A 199 7.87 5.73 3.56
CA ALA A 199 7.87 7.17 3.37
C ALA A 199 8.23 7.90 4.66
N LEU A 200 7.84 7.38 5.82
CA LEU A 200 8.22 7.99 7.10
C LEU A 200 9.75 7.85 7.28
N THR A 201 10.31 6.70 6.92
CA THR A 201 11.75 6.48 7.02
C THR A 201 12.52 7.47 6.17
N LEU A 202 12.07 7.66 4.91
CA LEU A 202 12.71 8.58 3.97
C LEU A 202 12.56 10.04 4.38
N GLU A 203 11.36 10.46 4.80
CA GLU A 203 11.13 11.84 5.22
C GLU A 203 12.00 12.20 6.44
N LEU A 204 12.14 11.29 7.41
CA LEU A 204 13.00 11.53 8.57
C LEU A 204 14.46 11.71 8.11
N GLN A 205 14.91 10.88 7.15
CA GLN A 205 16.26 10.95 6.57
C GLN A 205 16.46 12.31 5.87
N THR A 206 15.49 12.72 5.03
CA THR A 206 15.47 13.97 4.29
C THR A 206 15.52 15.19 5.22
N LEU A 207 14.79 15.16 6.34
CA LEU A 207 14.81 16.27 7.29
C LEU A 207 16.03 16.30 8.21
N GLY A 208 16.91 15.30 8.12
CA GLY A 208 18.09 15.26 8.96
C GLY A 208 17.84 14.75 10.36
N ILE A 209 16.69 14.09 10.59
CA ILE A 209 16.37 13.53 11.90
C ILE A 209 17.02 12.16 12.05
N THR A 210 18.24 12.14 12.57
CA THR A 210 19.04 10.93 12.68
C THR A 210 18.66 10.00 13.85
N GLY A 211 17.99 10.53 14.86
CA GLY A 211 17.70 9.78 16.07
C GLY A 211 16.44 8.94 16.11
N ILE A 212 15.53 9.14 15.15
CA ILE A 212 14.30 8.36 15.14
C ILE A 212 14.42 7.18 14.19
N LYS A 213 14.38 5.98 14.75
CA LYS A 213 14.48 4.75 13.98
C LYS A 213 13.10 4.23 13.59
N THR A 214 13.03 3.44 12.53
CA THR A 214 11.76 2.84 12.12
C THR A 214 11.98 1.36 11.86
N SER A 215 10.97 0.53 12.15
CA SER A 215 11.01 -0.92 11.90
C SER A 215 9.63 -1.37 11.40
N CYS A 216 9.60 -2.29 10.44
CA CYS A 216 8.36 -2.79 9.91
C CYS A 216 8.27 -4.32 10.12
N LEU A 217 7.28 -4.79 10.91
CA LEU A 217 7.11 -6.22 11.13
C LEU A 217 6.19 -6.87 10.08
N CYS A 218 6.71 -7.82 9.28
CA CYS A 218 5.94 -8.52 8.26
C CYS A 218 5.90 -10.04 8.43
N PRO A 219 5.06 -10.55 9.34
CA PRO A 219 4.96 -12.01 9.49
C PRO A 219 4.04 -12.65 8.46
N VAL A 220 4.15 -13.97 8.32
CA VAL A 220 3.23 -14.81 7.54
C VAL A 220 2.10 -15.19 8.56
N PHE A 221 1.25 -16.23 8.33
CA PHE A 221 0.19 -16.55 9.29
C PHE A 221 0.77 -16.85 10.69
N VAL A 222 0.18 -16.23 11.70
CA VAL A 222 0.56 -16.42 13.11
C VAL A 222 -0.65 -17.04 13.82
N ASN A 223 -0.38 -18.02 14.68
CA ASN A 223 -1.39 -18.77 15.43
C ASN A 223 -1.96 -17.97 16.61
N THR A 224 -2.76 -16.94 16.31
CA THR A 224 -3.40 -16.08 17.34
C THR A 224 -4.95 -16.14 17.28
N GLY A 225 -5.49 -16.70 16.22
CA GLY A 225 -6.93 -16.69 16.02
C GLY A 225 -7.39 -15.50 15.20
N PHE A 226 -6.45 -14.61 14.78
CA PHE A 226 -6.71 -13.42 13.94
C PHE A 226 -7.46 -13.86 12.68
N THR A 227 -7.02 -14.98 12.07
CA THR A 227 -7.70 -15.69 10.98
C THR A 227 -7.98 -17.11 11.50
N LYS A 228 -9.16 -17.64 11.21
CA LYS A 228 -9.57 -18.95 11.72
C LYS A 228 -9.03 -20.09 10.86
N ASN A 229 -8.32 -21.03 11.51
CA ASN A 229 -7.67 -22.23 10.94
C ASN A 229 -6.85 -21.96 9.66
N PRO A 230 -5.78 -21.14 9.73
CA PRO A 230 -4.98 -20.90 8.54
C PRO A 230 -4.09 -22.12 8.18
N SER A 231 -3.81 -22.27 6.89
CA SER A 231 -2.98 -23.35 6.39
C SER A 231 -2.21 -22.85 5.16
N THR A 232 -0.89 -22.98 5.22
CA THR A 232 0.04 -22.66 4.12
C THR A 232 1.02 -23.80 4.05
N ARG A 233 1.19 -24.39 2.87
CA ARG A 233 2.09 -25.52 2.70
C ARG A 233 3.55 -25.07 2.68
N LEU A 234 3.82 -23.95 2.01
CA LEU A 234 5.19 -23.45 1.89
C LEU A 234 5.62 -22.52 3.04
N TRP A 235 4.68 -21.99 3.82
CA TRP A 235 4.99 -21.11 4.95
C TRP A 235 4.61 -21.77 6.25
N PRO A 236 5.32 -21.46 7.34
CA PRO A 236 4.93 -22.00 8.64
C PRO A 236 3.77 -21.21 9.27
N ILE A 237 2.97 -21.87 10.11
CA ILE A 237 1.98 -21.18 10.90
C ILE A 237 2.79 -20.88 12.17
N LEU A 238 3.17 -19.60 12.33
CA LEU A 238 4.06 -19.16 13.39
C LEU A 238 3.44 -19.17 14.76
N GLU A 239 4.26 -19.39 15.78
CA GLU A 239 3.77 -19.25 17.15
C GLU A 239 4.02 -17.79 17.55
N THR A 240 3.11 -17.24 18.34
CA THR A 240 3.14 -15.85 18.75
C THR A 240 4.45 -15.44 19.41
N ASP A 241 4.97 -16.26 20.32
CA ASP A 241 6.24 -15.95 20.99
C ASP A 241 7.40 -15.83 20.00
N THR A 242 7.40 -16.61 18.91
CA THR A 242 8.43 -16.53 17.89
C THR A 242 8.41 -15.15 17.22
N VAL A 243 7.20 -14.65 16.89
CA VAL A 243 7.04 -13.38 16.23
C VAL A 243 7.51 -12.24 17.12
N ALA A 244 7.16 -12.30 18.42
CA ALA A 244 7.55 -11.29 19.39
C ALA A 244 9.08 -11.28 19.61
N ARG A 245 9.70 -12.46 19.56
CA ARG A 245 11.14 -12.58 19.69
C ARG A 245 11.87 -11.98 18.47
N SER A 246 11.35 -12.22 17.27
CA SER A 246 11.91 -11.69 16.03
C SER A 246 11.76 -10.17 15.99
N LEU A 247 10.62 -9.66 16.48
CA LEU A 247 10.37 -8.24 16.53
C LEU A 247 11.35 -7.58 17.50
N ILE A 248 11.50 -8.10 18.72
CA ILE A 248 12.41 -7.48 19.70
C ILE A 248 13.85 -7.54 19.23
N ASP A 249 14.24 -8.60 18.51
CA ASP A 249 15.60 -8.69 17.97
C ASP A 249 15.81 -7.63 16.88
N GLY A 250 14.79 -7.40 16.05
CA GLY A 250 14.83 -6.42 14.98
C GLY A 250 14.87 -5.00 15.49
N ILE A 251 14.10 -4.69 16.54
CA ILE A 251 14.07 -3.36 17.12
C ILE A 251 15.42 -3.01 17.74
N LEU A 252 15.97 -3.95 18.55
CA LEU A 252 17.24 -3.77 19.23
C LEU A 252 18.43 -3.62 18.30
N THR A 253 18.32 -4.15 17.07
CA THR A 253 19.41 -4.01 16.10
C THR A 253 19.09 -2.99 14.99
N ASN A 254 18.03 -2.17 15.16
CA ASN A 254 17.57 -1.16 14.22
C ASN A 254 17.36 -1.72 12.81
N LYS A 255 16.73 -2.89 12.72
CA LYS A 255 16.44 -3.51 11.45
C LYS A 255 15.18 -2.85 10.88
N LYS A 256 15.22 -2.37 9.64
CA LYS A 256 14.09 -1.65 9.06
C LYS A 256 12.94 -2.53 8.58
N MET A 257 13.22 -3.69 8.00
CA MET A 257 12.16 -4.56 7.48
C MET A 257 12.38 -5.94 8.03
N ILE A 258 11.53 -6.35 8.98
CA ILE A 258 11.63 -7.64 9.66
C ILE A 258 10.61 -8.62 9.12
N PHE A 259 11.04 -9.57 8.26
CA PHE A 259 10.13 -10.60 7.77
C PHE A 259 10.17 -11.78 8.72
N VAL A 260 9.02 -12.39 8.97
CA VAL A 260 8.97 -13.57 9.82
C VAL A 260 8.21 -14.67 9.08
N PRO A 261 8.87 -15.79 8.69
CA PRO A 261 10.31 -16.07 8.80
C PRO A 261 11.11 -15.26 7.78
N SER A 262 12.38 -14.99 8.06
CA SER A 262 13.22 -14.17 7.18
C SER A 262 13.33 -14.72 5.76
N TYR A 263 13.16 -16.05 5.59
CA TYR A 263 13.20 -16.65 4.27
C TYR A 263 12.01 -16.30 3.38
N TYR A 264 11.04 -15.47 3.87
CA TYR A 264 9.97 -14.99 3.00
C TYR A 264 10.57 -14.14 1.84
N ASN A 265 11.76 -13.53 2.07
CA ASN A 265 12.53 -12.77 1.11
C ASN A 265 12.77 -13.53 -0.19
N ILE A 266 12.84 -14.89 -0.14
CA ILE A 266 13.02 -15.65 -1.36
C ILE A 266 11.74 -15.56 -2.19
N TYR A 267 10.57 -15.76 -1.56
CA TYR A 267 9.28 -15.65 -2.24
C TYR A 267 9.01 -14.24 -2.74
N LEU A 268 9.52 -13.23 -2.02
CA LEU A 268 9.42 -11.82 -2.37
C LEU A 268 10.17 -11.56 -3.69
N ILE A 269 11.36 -12.15 -3.85
CA ILE A 269 12.14 -11.99 -5.08
C ILE A 269 11.53 -12.78 -6.23
N LEU A 270 11.00 -13.98 -5.94
CA LEU A 270 10.35 -14.79 -6.97
C LEU A 270 9.12 -14.05 -7.53
N ASP A 271 8.35 -13.36 -6.66
CA ASP A 271 7.15 -12.61 -7.06
C ASP A 271 7.46 -11.40 -7.97
N LYS A 272 8.72 -10.95 -8.02
CA LYS A 272 9.12 -9.80 -8.81
C LYS A 272 9.73 -10.19 -10.16
N PHE A 273 10.31 -11.40 -10.27
CA PHE A 273 10.99 -11.77 -11.50
C PHE A 273 10.41 -12.98 -12.23
N LEU A 274 9.61 -13.80 -11.55
CA LEU A 274 9.04 -14.99 -12.20
C LEU A 274 7.86 -14.68 -13.12
N PRO A 275 7.74 -15.39 -14.27
CA PRO A 275 6.57 -15.17 -15.14
C PRO A 275 5.26 -15.62 -14.49
N GLU A 276 4.12 -15.21 -15.06
CA GLU A 276 2.80 -15.55 -14.51
C GLU A 276 2.56 -17.04 -14.34
N ARG A 277 3.01 -17.86 -15.30
CA ARG A 277 2.87 -19.31 -15.28
C ARG A 277 3.60 -19.92 -14.06
N ALA A 278 4.81 -19.41 -13.78
CA ALA A 278 5.64 -19.88 -12.68
C ALA A 278 5.04 -19.53 -11.34
N LEU A 279 4.48 -18.32 -11.22
CA LEU A 279 3.88 -17.86 -9.96
C LEU A 279 2.56 -18.56 -9.63
N ALA A 280 1.82 -18.97 -10.66
CA ALA A 280 0.58 -19.73 -10.48
C ALA A 280 0.89 -21.16 -10.01
N ALA A 281 2.03 -21.73 -10.46
CA ALA A 281 2.49 -23.07 -10.10
C ALA A 281 2.87 -23.10 -8.62
N ILE A 282 3.55 -22.02 -8.14
CA ILE A 282 3.93 -21.89 -6.74
C ILE A 282 2.68 -21.66 -5.89
N ASN A 283 1.72 -20.85 -6.41
CA ASN A 283 0.44 -20.54 -5.76
C ASN A 283 -0.40 -21.79 -5.50
N HIS A 284 -0.43 -22.71 -6.46
CA HIS A 284 -1.18 -23.96 -6.31
C HIS A 284 -0.52 -24.85 -5.26
N LEU A 285 0.81 -24.91 -5.28
CA LEU A 285 1.61 -25.67 -4.34
C LEU A 285 1.42 -25.15 -2.91
N GLN A 286 1.24 -23.82 -2.77
CA GLN A 286 1.07 -23.17 -1.48
C GLN A 286 -0.22 -23.60 -0.78
N ASN A 287 -1.32 -23.74 -1.56
CA ASN A 287 -2.61 -24.20 -1.06
C ASN A 287 -3.08 -23.42 0.17
N ILE A 288 -3.16 -22.07 0.06
CA ILE A 288 -3.57 -21.23 1.21
C ILE A 288 -5.01 -21.51 1.55
N GLN A 289 -5.26 -21.76 2.84
CA GLN A 289 -6.59 -22.00 3.38
C GLN A 289 -6.78 -21.20 4.67
N PHE A 290 -7.99 -20.74 4.93
CA PHE A 290 -8.40 -19.97 6.11
C PHE A 290 -9.91 -19.68 6.02
N GLU A 291 -10.60 -19.50 7.16
CA GLU A 291 -12.04 -19.19 7.12
C GLU A 291 -12.27 -17.82 6.49
N ALA A 292 -13.25 -17.75 5.58
CA ALA A 292 -13.62 -16.55 4.86
C ALA A 292 -15.05 -16.67 4.35
N VAL A 293 -15.71 -15.55 4.06
CA VAL A 293 -17.04 -15.57 3.46
C VAL A 293 -16.87 -15.55 1.95
N ILE A 294 -17.22 -16.65 1.27
CA ILE A 294 -17.10 -16.75 -0.17
C ILE A 294 -18.47 -16.99 -0.78
N GLY A 295 -18.89 -16.09 -1.67
CA GLY A 295 -20.20 -16.18 -2.30
C GLY A 295 -21.34 -16.06 -1.30
N HIS A 296 -21.13 -15.22 -0.25
CA HIS A 296 -22.05 -14.91 0.85
C HIS A 296 -22.28 -16.11 1.80
N LYS A 297 -21.35 -17.08 1.82
CA LYS A 297 -21.40 -18.24 2.71
C LYS A 297 -20.01 -18.43 3.34
N THR A 298 -19.95 -18.63 4.66
CA THR A 298 -18.67 -18.82 5.35
C THR A 298 -18.00 -20.17 4.98
N ARG A 299 -16.98 -20.12 4.12
CA ARG A 299 -16.23 -21.27 3.62
C ARG A 299 -14.79 -21.26 4.14
N ASN B 3 29.03 10.01 -8.01
CA ASN B 3 28.68 11.43 -8.01
C ASN B 3 28.71 11.98 -9.44
N ILE B 4 29.83 11.78 -10.17
CA ILE B 4 30.06 12.26 -11.53
C ILE B 4 29.68 11.22 -12.60
N ILE B 5 30.24 10.00 -12.48
CA ILE B 5 29.98 8.88 -13.40
C ILE B 5 28.58 8.26 -13.16
N LEU B 6 28.02 8.44 -11.95
CA LEU B 6 26.70 8.00 -11.50
C LEU B 6 25.56 8.57 -12.38
N ASP B 7 25.75 9.77 -12.99
CA ASP B 7 24.71 10.35 -13.86
C ASP B 7 24.66 9.60 -15.19
N LEU B 8 25.82 9.36 -15.81
CA LEU B 8 25.93 8.64 -17.08
C LEU B 8 25.72 7.12 -16.94
N LEU B 9 25.86 6.59 -15.71
CA LEU B 9 25.62 5.18 -15.38
C LEU B 9 24.11 4.93 -15.49
N LEU B 10 23.28 5.86 -14.97
CA LEU B 10 21.82 5.81 -15.01
C LEU B 10 21.28 6.21 -16.40
N LEU B 11 21.97 7.14 -17.09
CA LEU B 11 21.62 7.60 -18.43
C LEU B 11 21.76 6.43 -19.44
N LEU B 12 22.77 5.55 -19.22
CA LEU B 12 23.04 4.34 -20.01
C LEU B 12 21.95 3.30 -19.76
N LEU B 13 21.59 3.05 -18.49
CA LEU B 13 20.51 2.11 -18.14
C LEU B 13 19.12 2.60 -18.63
N THR B 14 18.99 3.91 -18.95
CA THR B 14 17.76 4.53 -19.44
C THR B 14 17.71 4.40 -20.97
N ILE B 15 18.84 4.67 -21.64
CA ILE B 15 18.96 4.56 -23.09
C ILE B 15 18.89 3.10 -23.54
N ILE B 16 19.55 2.19 -22.81
CA ILE B 16 19.51 0.77 -23.14
C ILE B 16 18.09 0.21 -23.03
N TYR B 17 17.36 0.55 -21.94
CA TYR B 17 15.97 0.11 -21.75
C TYR B 17 15.08 0.60 -22.91
N SER B 18 15.20 1.88 -23.27
CA SER B 18 14.45 2.55 -24.34
C SER B 18 14.51 1.85 -25.70
N TYR B 19 15.65 1.23 -26.02
CA TYR B 19 15.82 0.61 -27.33
C TYR B 19 15.70 -0.94 -27.25
N LEU B 20 15.88 -1.53 -26.05
CA LEU B 20 15.60 -2.96 -25.87
C LEU B 20 14.09 -3.21 -25.83
N GLU B 21 13.31 -2.29 -25.23
CA GLU B 21 11.86 -2.42 -25.20
C GLU B 21 11.28 -2.23 -26.60
N ALA B 22 11.81 -1.28 -27.37
CA ALA B 22 11.37 -1.05 -28.74
C ALA B 22 11.66 -2.28 -29.63
N LEU B 23 12.73 -3.03 -29.31
CA LEU B 23 13.13 -4.23 -30.03
C LEU B 23 12.18 -5.39 -29.71
N VAL B 24 11.77 -5.51 -28.43
CA VAL B 24 10.82 -6.54 -28.01
C VAL B 24 9.42 -6.28 -28.59
N LYS B 25 9.06 -4.99 -28.82
CA LYS B 25 7.78 -4.62 -29.42
C LYS B 25 7.67 -4.99 -30.93
N VAL B 26 8.78 -5.41 -31.55
CA VAL B 26 8.80 -5.83 -32.94
C VAL B 26 8.97 -7.37 -32.98
N PHE B 27 9.86 -7.91 -32.13
CA PHE B 27 10.14 -9.35 -32.03
C PHE B 27 8.97 -10.15 -31.44
N PHE B 28 8.43 -9.70 -30.30
CA PHE B 28 7.29 -10.38 -29.66
C PHE B 28 6.17 -9.39 -29.41
N PRO B 29 5.40 -9.01 -30.44
CA PRO B 29 4.35 -8.00 -30.24
C PRO B 29 3.12 -8.52 -29.53
N ARG B 30 2.51 -7.67 -28.70
CA ARG B 30 1.29 -8.03 -27.98
C ARG B 30 0.09 -7.66 -28.84
N LYS B 31 -0.96 -8.50 -28.81
CA LYS B 31 -2.15 -8.24 -29.62
C LYS B 31 -3.02 -7.17 -29.00
N ARG B 32 -3.45 -6.20 -29.82
CA ARG B 32 -4.34 -5.14 -29.34
C ARG B 32 -5.77 -5.56 -29.52
N LYS B 33 -6.59 -5.37 -28.50
CA LYS B 33 -8.00 -5.69 -28.57
C LYS B 33 -8.78 -4.44 -28.97
N SER B 34 -10.07 -4.62 -29.29
CA SER B 34 -10.92 -3.51 -29.64
C SER B 34 -11.74 -3.13 -28.42
N VAL B 35 -11.92 -1.82 -28.20
CA VAL B 35 -12.77 -1.35 -27.10
C VAL B 35 -13.97 -0.56 -27.66
N ALA B 36 -14.26 -0.68 -28.98
CA ALA B 36 -15.39 -0.03 -29.65
C ALA B 36 -16.68 -0.59 -29.09
N GLY B 37 -17.56 0.28 -28.66
CA GLY B 37 -18.84 -0.14 -28.10
C GLY B 37 -18.82 -0.46 -26.62
N GLU B 38 -17.63 -0.46 -25.98
CA GLU B 38 -17.56 -0.73 -24.54
C GLU B 38 -18.05 0.51 -23.79
N ILE B 39 -18.65 0.31 -22.61
CA ILE B 39 -19.10 1.44 -21.79
C ILE B 39 -17.98 1.72 -20.81
N VAL B 40 -17.25 2.80 -21.05
CA VAL B 40 -16.10 3.18 -20.24
C VAL B 40 -16.41 4.30 -19.24
N LEU B 41 -16.27 4.01 -17.94
CA LEU B 41 -16.48 5.02 -16.92
C LEU B 41 -15.13 5.55 -16.44
N ILE B 42 -14.88 6.85 -16.60
CA ILE B 42 -13.63 7.45 -16.16
C ILE B 42 -13.90 8.44 -15.05
N THR B 43 -13.33 8.24 -13.86
CA THR B 43 -13.50 9.20 -12.76
C THR B 43 -12.44 10.26 -12.85
N GLY B 44 -12.73 11.46 -12.37
CA GLY B 44 -11.80 12.58 -12.48
C GLY B 44 -11.52 12.96 -13.93
N ALA B 45 -12.53 12.79 -14.81
CA ALA B 45 -12.42 13.08 -16.24
C ALA B 45 -12.55 14.56 -16.62
N GLY B 46 -12.59 15.45 -15.64
CA GLY B 46 -12.72 16.88 -15.91
C GLY B 46 -11.43 17.60 -16.24
N HIS B 47 -10.30 16.92 -16.04
CA HIS B 47 -9.00 17.52 -16.28
C HIS B 47 -7.91 16.44 -16.23
N GLY B 48 -6.72 16.80 -16.69
CA GLY B 48 -5.50 15.99 -16.67
C GLY B 48 -5.57 14.64 -17.31
N ILE B 49 -5.01 13.63 -16.62
CA ILE B 49 -4.94 12.26 -17.12
C ILE B 49 -6.32 11.71 -17.48
N GLY B 50 -7.32 11.98 -16.66
CA GLY B 50 -8.67 11.50 -16.91
C GLY B 50 -9.27 12.08 -18.17
N ARG B 51 -9.01 13.39 -18.41
CA ARG B 51 -9.51 14.09 -19.58
C ARG B 51 -8.91 13.53 -20.87
N TRP B 52 -7.59 13.39 -20.91
CA TRP B 52 -6.90 12.90 -22.10
C TRP B 52 -7.10 11.39 -22.29
N THR B 53 -7.41 10.63 -21.23
CA THR B 53 -7.76 9.22 -21.35
C THR B 53 -9.15 9.10 -22.00
N ALA B 54 -10.09 10.02 -21.64
CA ALA B 54 -11.41 10.08 -22.26
C ALA B 54 -11.26 10.35 -23.76
N TYR B 55 -10.33 11.23 -24.15
CA TYR B 55 -10.09 11.52 -25.57
C TYR B 55 -9.59 10.28 -26.30
N GLU B 56 -8.71 9.49 -25.67
CA GLU B 56 -8.18 8.27 -26.28
C GLU B 56 -9.28 7.23 -26.47
N PHE B 57 -10.18 7.08 -25.48
CA PHE B 57 -11.31 6.16 -25.58
C PHE B 57 -12.35 6.65 -26.59
N ALA B 58 -12.46 7.98 -26.81
CA ALA B 58 -13.35 8.55 -27.81
C ALA B 58 -12.85 8.16 -29.20
N LYS B 59 -11.52 8.24 -29.43
CA LYS B 59 -10.90 7.83 -30.68
C LYS B 59 -11.02 6.30 -30.90
N GLN B 60 -11.07 5.53 -29.80
CA GLN B 60 -11.26 4.08 -29.82
C GLN B 60 -12.72 3.64 -30.07
N LYS B 61 -13.67 4.61 -30.14
CA LYS B 61 -15.09 4.41 -30.42
C LYS B 61 -15.85 3.74 -29.26
N SER B 62 -15.48 4.04 -28.01
CA SER B 62 -16.19 3.52 -26.86
C SER B 62 -17.33 4.49 -26.44
N ARG B 63 -18.30 4.00 -25.66
CA ARG B 63 -19.35 4.85 -25.11
C ARG B 63 -18.79 5.37 -23.78
N LEU B 64 -18.77 6.69 -23.58
CA LEU B 64 -18.16 7.27 -22.40
C LEU B 64 -19.11 7.71 -21.32
N VAL B 65 -18.75 7.43 -20.06
CA VAL B 65 -19.46 7.88 -18.87
C VAL B 65 -18.39 8.59 -18.06
N LEU B 66 -18.50 9.92 -17.96
CA LEU B 66 -17.48 10.72 -17.28
C LEU B 66 -17.97 11.23 -15.94
N TRP B 67 -17.17 11.04 -14.89
CA TRP B 67 -17.49 11.47 -13.53
C TRP B 67 -16.49 12.50 -13.04
N ASP B 68 -16.97 13.51 -12.32
CA ASP B 68 -16.12 14.54 -11.69
C ASP B 68 -16.96 15.42 -10.74
N ILE B 69 -16.31 16.06 -9.78
CA ILE B 69 -16.97 17.01 -8.88
C ILE B 69 -17.13 18.39 -9.59
N ASN B 70 -16.26 18.68 -10.59
CA ASN B 70 -16.25 19.88 -11.38
C ASN B 70 -17.10 19.67 -12.63
N LYS B 71 -18.36 20.15 -12.59
CA LYS B 71 -19.34 20.06 -13.68
C LYS B 71 -18.85 20.78 -14.95
N HIS B 72 -18.26 21.96 -14.78
CA HIS B 72 -17.76 22.74 -15.90
C HIS B 72 -16.66 22.01 -16.67
N GLY B 73 -15.71 21.44 -15.93
CA GLY B 73 -14.58 20.73 -16.48
C GLY B 73 -14.95 19.44 -17.16
N VAL B 74 -15.85 18.65 -16.54
CA VAL B 74 -16.28 17.39 -17.13
C VAL B 74 -17.13 17.64 -18.40
N GLU B 75 -17.87 18.75 -18.47
CA GLU B 75 -18.63 19.09 -19.67
C GLU B 75 -17.73 19.56 -20.81
N GLU B 76 -16.61 20.19 -20.46
CA GLU B 76 -15.60 20.63 -21.41
C GLU B 76 -14.90 19.40 -22.03
N THR B 77 -14.65 18.35 -21.22
CA THR B 77 -14.05 17.12 -21.73
C THR B 77 -15.06 16.39 -22.64
N ALA B 78 -16.32 16.29 -22.22
CA ALA B 78 -17.38 15.63 -22.99
C ALA B 78 -17.58 16.30 -24.33
N ALA B 79 -17.49 17.64 -24.38
CA ALA B 79 -17.64 18.41 -25.61
C ALA B 79 -16.59 18.00 -26.63
N GLU B 80 -15.35 17.78 -26.18
CA GLU B 80 -14.26 17.36 -27.06
C GLU B 80 -14.39 15.91 -27.48
N CYS B 81 -14.86 15.04 -26.58
CA CYS B 81 -15.10 13.64 -26.93
C CYS B 81 -16.22 13.54 -27.99
N ARG B 82 -17.24 14.41 -27.90
CA ARG B 82 -18.31 14.43 -28.89
C ARG B 82 -17.80 14.91 -30.25
N LYS B 83 -16.80 15.83 -30.27
CA LYS B 83 -16.17 16.27 -31.53
C LYS B 83 -15.41 15.08 -32.16
N LEU B 84 -14.80 14.23 -31.34
CA LEU B 84 -14.12 13.01 -31.79
C LEU B 84 -15.11 11.90 -32.27
N GLY B 85 -16.41 12.17 -32.21
CA GLY B 85 -17.46 11.25 -32.66
C GLY B 85 -18.02 10.32 -31.60
N ALA B 86 -17.71 10.56 -30.32
CA ALA B 86 -18.16 9.67 -29.25
C ALA B 86 -19.46 10.07 -28.56
N THR B 87 -20.17 9.08 -28.01
CA THR B 87 -21.38 9.31 -27.25
C THR B 87 -20.95 9.38 -25.79
N VAL B 88 -21.18 10.54 -25.16
CA VAL B 88 -20.72 10.81 -23.80
C VAL B 88 -21.85 11.16 -22.87
N HIS B 89 -21.78 10.65 -21.65
CA HIS B 89 -22.73 10.92 -20.59
C HIS B 89 -21.92 11.47 -19.43
N THR B 90 -22.26 12.68 -18.93
CA THR B 90 -21.52 13.26 -17.80
C THR B 90 -22.35 13.23 -16.52
N PHE B 91 -21.70 12.95 -15.40
CA PHE B 91 -22.37 12.92 -14.12
C PHE B 91 -21.48 13.64 -13.10
N VAL B 92 -22.09 14.51 -12.26
CA VAL B 92 -21.33 15.18 -11.20
C VAL B 92 -21.34 14.29 -9.97
N VAL B 93 -20.19 13.65 -9.65
CA VAL B 93 -20.13 12.68 -8.57
C VAL B 93 -18.92 12.90 -7.70
N ASP B 94 -19.07 12.85 -6.38
CA ASP B 94 -17.95 12.93 -5.47
C ASP B 94 -17.49 11.49 -5.35
N CYS B 95 -16.33 11.19 -5.93
CA CYS B 95 -15.79 9.84 -5.94
C CYS B 95 -15.09 9.41 -4.64
N GLY B 96 -15.21 10.22 -3.61
CA GLY B 96 -14.77 9.88 -2.27
C GLY B 96 -15.94 9.62 -1.34
N ASN B 97 -17.20 9.87 -1.82
CA ASN B 97 -18.43 9.70 -1.07
C ASN B 97 -19.18 8.47 -1.52
N ARG B 98 -19.21 7.45 -0.65
CA ARG B 98 -19.86 6.17 -0.88
C ARG B 98 -21.33 6.28 -1.26
N GLU B 99 -22.10 7.09 -0.53
CA GLU B 99 -23.52 7.25 -0.81
C GLU B 99 -23.73 7.84 -2.20
N ASP B 100 -22.94 8.88 -2.56
CA ASP B 100 -22.98 9.55 -3.85
C ASP B 100 -22.63 8.57 -4.97
N ILE B 101 -21.60 7.75 -4.75
CA ILE B 101 -21.18 6.74 -5.72
C ILE B 101 -22.34 5.76 -6.04
N TYR B 102 -22.92 5.13 -5.02
CA TYR B 102 -23.99 4.14 -5.23
C TYR B 102 -25.23 4.70 -5.88
N ASN B 103 -25.61 5.92 -5.50
CA ASN B 103 -26.76 6.60 -6.08
C ASN B 103 -26.51 6.87 -7.58
N SER B 104 -25.28 7.29 -7.92
CA SER B 104 -24.90 7.62 -9.28
C SER B 104 -24.79 6.39 -10.16
N VAL B 105 -24.37 5.25 -9.59
CA VAL B 105 -24.31 3.99 -10.33
C VAL B 105 -25.74 3.59 -10.76
N LYS B 106 -26.74 3.82 -9.92
CA LYS B 106 -28.14 3.58 -10.24
C LYS B 106 -28.56 4.42 -11.46
N GLN B 107 -28.09 5.68 -11.54
CA GLN B 107 -28.39 6.56 -12.67
C GLN B 107 -27.70 6.09 -13.91
N VAL B 108 -26.43 5.66 -13.80
CA VAL B 108 -25.68 5.17 -14.94
C VAL B 108 -26.36 3.94 -15.55
N LYS B 109 -26.83 3.01 -14.71
CA LYS B 109 -27.51 1.81 -15.23
C LYS B 109 -28.81 2.15 -15.93
N LYS B 110 -29.54 3.13 -15.40
CA LYS B 110 -30.81 3.57 -15.93
C LYS B 110 -30.66 4.34 -17.24
N GLU B 111 -29.70 5.25 -17.31
CA GLU B 111 -29.51 6.10 -18.48
C GLU B 111 -28.53 5.57 -19.54
N VAL B 112 -27.54 4.79 -19.14
CA VAL B 112 -26.49 4.33 -20.06
C VAL B 112 -26.45 2.79 -20.21
N GLY B 113 -26.43 2.08 -19.08
CA GLY B 113 -26.35 0.63 -19.08
C GLY B 113 -25.27 0.12 -18.16
N ASP B 114 -24.75 -1.08 -18.44
CA ASP B 114 -23.71 -1.69 -17.61
C ASP B 114 -22.30 -1.38 -18.08
N VAL B 115 -21.52 -0.69 -17.22
CA VAL B 115 -20.12 -0.33 -17.46
C VAL B 115 -19.29 -1.59 -17.65
N THR B 116 -18.46 -1.63 -18.71
CA THR B 116 -17.59 -2.78 -18.97
C THR B 116 -16.13 -2.44 -18.71
N ILE B 117 -15.73 -1.15 -18.81
CA ILE B 117 -14.35 -0.73 -18.51
C ILE B 117 -14.42 0.36 -17.48
N LEU B 118 -13.77 0.17 -16.34
CA LEU B 118 -13.76 1.16 -15.26
C LEU B 118 -12.36 1.72 -15.08
N VAL B 119 -12.19 3.04 -15.19
CA VAL B 119 -10.91 3.68 -14.97
C VAL B 119 -10.99 4.52 -13.68
N ASN B 120 -10.41 4.01 -12.59
CA ASN B 120 -10.40 4.74 -11.32
C ASN B 120 -9.25 5.71 -11.33
N ASN B 121 -9.47 6.91 -11.86
CA ASN B 121 -8.44 7.93 -12.03
C ASN B 121 -8.49 9.07 -11.01
N ALA B 122 -9.65 9.53 -10.54
CA ALA B 122 -9.74 10.65 -9.59
C ALA B 122 -8.78 10.51 -8.41
N GLY B 123 -8.14 11.61 -8.07
CA GLY B 123 -7.15 11.63 -7.00
C GLY B 123 -6.94 13.00 -6.41
N THR B 124 -6.27 13.04 -5.27
CA THR B 124 -5.98 14.27 -4.55
C THR B 124 -4.64 14.17 -3.83
N VAL B 125 -3.99 15.31 -3.59
CA VAL B 125 -2.72 15.34 -2.88
C VAL B 125 -2.59 16.64 -2.09
N TYR B 126 -2.03 16.57 -0.89
CA TYR B 126 -1.80 17.73 -0.04
C TYR B 126 -0.35 17.66 0.44
N PRO B 127 0.59 18.05 -0.45
CA PRO B 127 2.03 17.95 -0.10
C PRO B 127 2.42 18.77 1.11
N ALA B 128 2.94 18.06 2.13
CA ALA B 128 3.38 18.58 3.43
C ALA B 128 4.13 17.49 4.19
N ASP B 129 5.05 17.87 5.08
CA ASP B 129 5.71 16.89 5.95
C ASP B 129 4.63 16.37 6.94
N LEU B 130 4.80 15.16 7.50
CA LEU B 130 3.80 14.55 8.39
C LEU B 130 3.25 15.48 9.46
N LEU B 131 4.11 16.27 10.13
CA LEU B 131 3.61 17.16 11.19
C LEU B 131 2.95 18.46 10.67
N SER B 132 3.05 18.77 9.36
CA SER B 132 2.37 19.90 8.73
C SER B 132 1.05 19.51 8.03
N THR B 133 0.71 18.21 8.03
CA THR B 133 -0.52 17.74 7.41
C THR B 133 -1.71 18.05 8.29
N LYS B 134 -2.89 18.21 7.69
CA LYS B 134 -4.13 18.36 8.42
C LYS B 134 -4.76 16.99 8.42
N ASP B 135 -5.41 16.59 9.53
CA ASP B 135 -6.04 15.27 9.60
C ASP B 135 -7.14 15.07 8.56
N GLU B 136 -7.87 16.15 8.24
CA GLU B 136 -8.94 16.19 7.25
C GLU B 136 -8.38 15.87 5.84
N GLU B 137 -7.15 16.36 5.56
CA GLU B 137 -6.44 16.16 4.31
C GLU B 137 -5.98 14.70 4.20
N ILE B 138 -5.55 14.10 5.33
CA ILE B 138 -5.15 12.70 5.35
C ILE B 138 -6.36 11.81 5.02
N THR B 139 -7.51 12.04 5.70
CA THR B 139 -8.68 11.22 5.42
C THR B 139 -9.18 11.43 4.00
N LYS B 140 -9.18 12.67 3.49
CA LYS B 140 -9.65 12.94 2.14
C LYS B 140 -8.80 12.23 1.08
N THR B 141 -7.48 12.11 1.34
CA THR B 141 -6.55 11.42 0.47
C THR B 141 -6.95 9.95 0.37
N PHE B 142 -7.28 9.29 1.50
CA PHE B 142 -7.66 7.88 1.47
C PHE B 142 -9.07 7.69 0.91
N GLU B 143 -9.97 8.61 1.21
CA GLU B 143 -11.35 8.53 0.75
C GLU B 143 -11.43 8.54 -0.77
N ILE B 144 -10.63 9.39 -1.43
CA ILE B 144 -10.61 9.48 -2.89
C ILE B 144 -9.63 8.49 -3.53
N ASN B 145 -8.37 8.45 -3.07
CA ASN B 145 -7.33 7.64 -3.71
C ASN B 145 -7.48 6.15 -3.56
N ILE B 146 -8.20 5.64 -2.55
CA ILE B 146 -8.34 4.19 -2.41
C ILE B 146 -9.78 3.76 -2.04
N LEU B 147 -10.38 4.31 -0.97
CA LEU B 147 -11.72 3.88 -0.58
C LEU B 147 -12.76 4.04 -1.69
N GLY B 148 -12.63 5.08 -2.52
CA GLY B 148 -13.52 5.28 -3.65
C GLY B 148 -13.43 4.16 -4.67
N HIS B 149 -12.23 3.57 -4.82
CA HIS B 149 -11.98 2.45 -5.70
C HIS B 149 -12.78 1.24 -5.23
N PHE B 150 -12.87 1.02 -3.92
CA PHE B 150 -13.64 -0.10 -3.37
C PHE B 150 -15.11 0.06 -3.69
N TRP B 151 -15.69 1.25 -3.43
CA TRP B 151 -17.11 1.48 -3.68
C TRP B 151 -17.50 1.37 -5.16
N ILE B 152 -16.71 1.97 -6.07
CA ILE B 152 -17.04 1.92 -7.49
C ILE B 152 -16.87 0.51 -8.04
N THR B 153 -15.78 -0.14 -7.69
CA THR B 153 -15.52 -1.51 -8.14
C THR B 153 -16.60 -2.46 -7.64
N LYS B 154 -17.03 -2.37 -6.36
CA LYS B 154 -18.08 -3.25 -5.83
C LYS B 154 -19.44 -3.02 -6.50
N ALA B 155 -19.69 -1.79 -6.93
CA ALA B 155 -20.94 -1.45 -7.60
C ALA B 155 -20.96 -1.94 -9.05
N LEU B 156 -19.78 -1.92 -9.71
CA LEU B 156 -19.69 -2.25 -11.13
C LEU B 156 -19.26 -3.68 -11.46
N LEU B 157 -18.57 -4.35 -10.54
CA LEU B 157 -18.08 -5.72 -10.70
C LEU B 157 -19.20 -6.74 -10.89
N PRO B 158 -20.33 -6.70 -10.16
CA PRO B 158 -21.35 -7.75 -10.32
C PRO B 158 -21.77 -8.05 -11.77
N SER B 159 -21.97 -7.01 -12.57
CA SER B 159 -22.35 -7.14 -13.98
C SER B 159 -21.21 -7.75 -14.78
N MET B 160 -19.95 -7.32 -14.51
CA MET B 160 -18.78 -7.83 -15.21
C MET B 160 -18.57 -9.32 -14.93
N ILE B 161 -18.84 -9.76 -13.69
CA ILE B 161 -18.71 -11.16 -13.33
C ILE B 161 -19.81 -11.96 -14.03
N LYS B 162 -21.04 -11.44 -14.04
CA LYS B 162 -22.16 -12.12 -14.70
C LYS B 162 -21.89 -12.34 -16.18
N ARG B 163 -21.30 -11.35 -16.87
CA ARG B 163 -20.99 -11.50 -18.29
C ARG B 163 -19.59 -12.07 -18.59
N ASN B 164 -18.76 -12.28 -17.53
CA ASN B 164 -17.37 -12.71 -17.62
C ASN B 164 -16.60 -11.79 -18.57
N HIS B 165 -16.77 -10.48 -18.37
CA HIS B 165 -16.19 -9.51 -19.27
C HIS B 165 -16.07 -8.15 -18.62
N GLY B 166 -14.85 -7.68 -18.49
CA GLY B 166 -14.61 -6.36 -17.91
C GLY B 166 -13.16 -5.97 -17.86
N HIS B 167 -12.91 -4.74 -17.45
CA HIS B 167 -11.55 -4.23 -17.31
C HIS B 167 -11.54 -3.22 -16.18
N ILE B 168 -10.73 -3.46 -15.15
CA ILE B 168 -10.61 -2.52 -14.03
C ILE B 168 -9.22 -1.88 -14.11
N VAL B 169 -9.17 -0.57 -14.33
CA VAL B 169 -7.91 0.16 -14.40
C VAL B 169 -7.78 0.98 -13.13
N THR B 170 -6.66 0.84 -12.44
CA THR B 170 -6.40 1.57 -11.20
C THR B 170 -5.31 2.56 -11.51
N VAL B 171 -5.58 3.86 -11.40
CA VAL B 171 -4.52 4.85 -11.58
C VAL B 171 -3.84 5.03 -10.25
N ALA B 172 -2.65 4.45 -10.11
CA ALA B 172 -1.88 4.58 -8.88
C ALA B 172 -0.76 5.68 -9.10
N SER B 173 0.55 5.36 -9.11
CA SER B 173 1.63 6.29 -9.27
C SER B 173 2.93 5.48 -9.03
N VAL B 174 4.10 6.05 -9.34
CA VAL B 174 5.35 5.40 -8.94
C VAL B 174 5.45 5.47 -7.38
N CYS B 175 4.69 6.38 -6.73
CA CYS B 175 4.53 6.51 -5.29
C CYS B 175 3.84 5.31 -4.63
N GLY B 176 3.33 4.37 -5.43
CA GLY B 176 2.72 3.13 -4.96
C GLY B 176 3.73 1.99 -4.92
N HIS B 177 4.99 2.24 -5.35
CA HIS B 177 6.11 1.29 -5.42
C HIS B 177 7.32 1.86 -4.68
N GLY B 178 7.59 3.14 -4.90
CA GLY B 178 8.65 3.87 -4.24
C GLY B 178 8.05 5.01 -3.44
N VAL B 179 8.86 5.70 -2.63
CA VAL B 179 8.36 6.78 -1.80
C VAL B 179 9.10 8.10 -2.05
N ILE B 180 8.45 9.21 -1.72
CA ILE B 180 8.99 10.54 -1.89
C ILE B 180 8.66 11.30 -0.60
N PRO B 181 9.63 11.99 -0.01
CA PRO B 181 9.34 12.72 1.23
C PRO B 181 8.28 13.81 1.03
N TYR B 182 7.61 14.19 2.11
CA TYR B 182 6.56 15.22 2.09
C TYR B 182 5.29 14.74 1.39
N LEU B 183 5.17 13.42 1.16
CA LEU B 183 4.03 12.79 0.51
C LEU B 183 3.69 11.48 1.25
N ILE B 184 3.80 11.44 2.61
CA ILE B 184 3.52 10.20 3.36
C ILE B 184 2.08 9.73 3.17
N PRO B 185 1.03 10.57 3.38
CA PRO B 185 -0.34 10.07 3.15
C PRO B 185 -0.60 9.68 1.70
N TYR B 186 0.02 10.41 0.76
CA TYR B 186 -0.14 10.16 -0.67
C TYR B 186 0.49 8.82 -1.05
N CYS B 187 1.74 8.61 -0.66
CA CYS B 187 2.45 7.35 -0.92
C CYS B 187 1.72 6.19 -0.26
N SER B 188 1.28 6.38 0.98
CA SER B 188 0.53 5.37 1.69
C SER B 188 -0.76 4.96 0.94
N SER B 189 -1.53 5.94 0.44
CA SER B 189 -2.77 5.69 -0.32
C SER B 189 -2.50 5.10 -1.69
N LYS B 190 -1.34 5.45 -2.31
CA LYS B 190 -0.99 4.89 -3.62
C LYS B 190 -0.50 3.45 -3.49
N PHE B 191 0.17 3.11 -2.37
CA PHE B 191 0.56 1.72 -2.07
C PHE B 191 -0.72 0.89 -1.90
N ALA B 192 -1.74 1.46 -1.23
CA ALA B 192 -3.02 0.78 -1.03
C ALA B 192 -3.71 0.54 -2.37
N ALA B 193 -3.53 1.44 -3.38
CA ALA B 193 -4.11 1.30 -4.72
C ALA B 193 -3.41 0.15 -5.48
N VAL B 194 -2.09 0.05 -5.35
CA VAL B 194 -1.32 -1.04 -5.95
C VAL B 194 -1.71 -2.39 -5.29
N GLY B 195 -1.82 -2.40 -3.97
CA GLY B 195 -2.24 -3.59 -3.24
C GLY B 195 -3.62 -4.07 -3.65
N PHE B 196 -4.56 -3.12 -3.83
CA PHE B 196 -5.93 -3.40 -4.27
C PHE B 196 -5.90 -4.02 -5.67
N HIS B 197 -5.15 -3.44 -6.62
CA HIS B 197 -5.05 -3.97 -7.97
C HIS B 197 -4.48 -5.40 -7.94
N ARG B 198 -3.41 -5.61 -7.18
CA ARG B 198 -2.75 -6.91 -7.10
C ARG B 198 -3.65 -7.97 -6.47
N ALA B 199 -4.34 -7.64 -5.38
CA ALA B 199 -5.22 -8.59 -4.72
C ALA B 199 -6.50 -8.82 -5.52
N LEU B 200 -7.00 -7.79 -6.23
CA LEU B 200 -8.16 -7.96 -7.09
C LEU B 200 -7.78 -8.89 -8.26
N THR B 201 -6.58 -8.73 -8.82
CA THR B 201 -6.10 -9.57 -9.93
C THR B 201 -6.03 -11.03 -9.49
N LEU B 202 -5.46 -11.28 -8.31
CA LEU B 202 -5.33 -12.63 -7.77
C LEU B 202 -6.68 -13.26 -7.41
N GLU B 203 -7.57 -12.53 -6.75
CA GLU B 203 -8.89 -13.05 -6.38
C GLU B 203 -9.71 -13.43 -7.62
N LEU B 204 -9.65 -12.62 -8.69
CA LEU B 204 -10.34 -12.94 -9.94
C LEU B 204 -9.79 -14.23 -10.53
N GLN B 205 -8.44 -14.40 -10.50
CA GLN B 205 -7.75 -15.60 -10.98
C GLN B 205 -8.19 -16.84 -10.16
N THR B 206 -8.19 -16.71 -8.81
CA THR B 206 -8.59 -17.74 -7.86
C THR B 206 -10.03 -18.19 -8.07
N LEU B 207 -10.95 -17.24 -8.33
CA LEU B 207 -12.35 -17.58 -8.57
C LEU B 207 -12.65 -18.12 -9.96
N GLY B 208 -11.65 -18.16 -10.84
CA GLY B 208 -11.86 -18.65 -12.20
C GLY B 208 -12.50 -17.64 -13.13
N ILE B 209 -12.48 -16.36 -12.77
CA ILE B 209 -13.05 -15.31 -13.60
C ILE B 209 -12.01 -14.87 -14.64
N THR B 210 -12.05 -15.53 -15.80
CA THR B 210 -11.08 -15.30 -16.86
C THR B 210 -11.29 -14.04 -17.70
N GLY B 211 -12.50 -13.51 -17.70
CA GLY B 211 -12.86 -12.39 -18.56
C GLY B 211 -12.62 -11.00 -18.06
N ILE B 212 -12.35 -10.84 -16.75
CA ILE B 212 -12.14 -9.51 -16.17
C ILE B 212 -10.65 -9.16 -16.05
N LYS B 213 -10.18 -8.24 -16.89
CA LYS B 213 -8.78 -7.85 -16.92
C LYS B 213 -8.50 -6.71 -15.94
N THR B 214 -7.25 -6.57 -15.51
CA THR B 214 -6.87 -5.48 -14.59
C THR B 214 -5.58 -4.83 -15.08
N SER B 215 -5.50 -3.49 -15.05
CA SER B 215 -4.30 -2.72 -15.40
C SER B 215 -4.06 -1.68 -14.30
N CYS B 216 -2.80 -1.31 -14.10
CA CYS B 216 -2.45 -0.35 -13.05
C CYS B 216 -1.54 0.70 -13.63
N LEU B 217 -2.00 1.95 -13.70
CA LEU B 217 -1.19 3.02 -14.26
C LEU B 217 -0.30 3.64 -13.19
N CYS B 218 1.02 3.51 -13.35
CA CYS B 218 1.97 4.09 -12.41
C CYS B 218 2.90 5.09 -13.05
N PRO B 219 2.47 6.36 -13.18
CA PRO B 219 3.36 7.36 -13.79
C PRO B 219 4.24 8.11 -12.79
N VAL B 220 5.35 8.71 -13.30
CA VAL B 220 6.20 9.64 -12.55
C VAL B 220 5.44 11.03 -12.58
N PHE B 221 6.09 12.20 -12.32
CA PHE B 221 5.34 13.46 -12.35
C PHE B 221 4.79 13.77 -13.74
N VAL B 222 3.52 14.17 -13.78
CA VAL B 222 2.83 14.55 -15.00
C VAL B 222 2.51 16.07 -14.88
N ASN B 223 2.71 16.80 -15.97
CA ASN B 223 2.50 18.22 -16.03
C ASN B 223 0.99 18.57 -16.13
N THR B 224 0.25 18.39 -15.01
CA THR B 224 -1.19 18.70 -14.94
C THR B 224 -1.51 19.80 -13.90
N GLY B 225 -0.55 20.14 -13.05
CA GLY B 225 -0.78 21.08 -11.97
C GLY B 225 -1.21 20.37 -10.69
N PHE B 226 -1.29 19.01 -10.70
CA PHE B 226 -1.65 18.17 -9.55
C PHE B 226 -0.71 18.51 -8.39
N THR B 227 0.60 18.66 -8.69
CA THR B 227 1.62 19.17 -7.77
C THR B 227 2.19 20.47 -8.40
N LYS B 228 2.56 21.44 -7.56
CA LYS B 228 3.03 22.71 -8.06
C LYS B 228 4.49 22.70 -8.38
N ASN B 229 4.83 23.15 -9.59
CA ASN B 229 6.18 23.20 -10.14
C ASN B 229 7.07 21.99 -9.78
N PRO B 230 6.70 20.78 -10.25
CA PRO B 230 7.55 19.62 -9.98
C PRO B 230 8.85 19.68 -10.79
N SER B 231 9.90 19.06 -10.26
CA SER B 231 11.21 19.04 -10.90
C SER B 231 11.89 17.71 -10.52
N THR B 232 12.34 16.93 -11.52
CA THR B 232 13.06 15.65 -11.34
C THR B 232 14.17 15.60 -12.36
N ARG B 233 15.39 15.33 -11.91
CA ARG B 233 16.58 15.26 -12.75
C ARG B 233 16.68 13.98 -13.59
N LEU B 234 16.43 12.78 -13.00
CA LEU B 234 16.54 11.48 -13.69
C LEU B 234 15.25 11.00 -14.37
N TRP B 235 14.11 11.64 -14.04
CA TRP B 235 12.81 11.30 -14.65
C TRP B 235 12.33 12.49 -15.44
N PRO B 236 11.61 12.28 -16.54
CA PRO B 236 11.03 13.42 -17.27
C PRO B 236 9.74 13.89 -16.60
N ILE B 237 9.38 15.16 -16.83
CA ILE B 237 8.08 15.65 -16.38
C ILE B 237 7.20 15.40 -17.59
N LEU B 238 6.42 14.32 -17.52
CA LEU B 238 5.59 13.86 -18.60
C LEU B 238 4.49 14.82 -18.99
N GLU B 239 4.19 14.85 -20.27
CA GLU B 239 3.05 15.59 -20.77
C GLU B 239 1.84 14.66 -20.65
N THR B 240 0.68 15.26 -20.37
CA THR B 240 -0.56 14.53 -20.14
C THR B 240 -0.93 13.60 -21.28
N ASP B 241 -0.82 14.07 -22.52
CA ASP B 241 -1.13 13.25 -23.68
C ASP B 241 -0.27 11.98 -23.76
N THR B 242 0.99 12.08 -23.33
CA THR B 242 1.88 10.93 -23.33
C THR B 242 1.36 9.85 -22.38
N VAL B 243 0.92 10.27 -21.19
CA VAL B 243 0.42 9.35 -20.17
C VAL B 243 -0.84 8.65 -20.64
N ALA B 244 -1.75 9.42 -21.27
CA ALA B 244 -3.00 8.89 -21.81
C ALA B 244 -2.75 7.92 -22.96
N ARG B 245 -1.73 8.16 -23.76
CA ARG B 245 -1.36 7.27 -24.86
C ARG B 245 -0.80 5.94 -24.32
N SER B 246 0.05 6.01 -23.29
CA SER B 246 0.64 4.83 -22.65
C SER B 246 -0.44 4.00 -21.97
N LEU B 247 -1.42 4.67 -21.34
CA LEU B 247 -2.51 3.99 -20.67
C LEU B 247 -3.38 3.24 -21.69
N ILE B 248 -3.72 3.88 -22.81
CA ILE B 248 -4.57 3.23 -23.81
C ILE B 248 -3.83 2.05 -24.44
N ASP B 249 -2.52 2.18 -24.68
CA ASP B 249 -1.71 1.08 -25.23
C ASP B 249 -1.65 -0.12 -24.28
N GLY B 250 -1.56 0.16 -23.00
CA GLY B 250 -1.54 -0.88 -21.97
C GLY B 250 -2.87 -1.57 -21.80
N ILE B 251 -3.99 -0.82 -21.87
CA ILE B 251 -5.33 -1.43 -21.75
C ILE B 251 -5.63 -2.32 -22.94
N LEU B 252 -5.30 -1.84 -24.15
CA LEU B 252 -5.55 -2.61 -25.36
C LEU B 252 -4.72 -3.89 -25.46
N THR B 253 -3.58 -3.95 -24.79
CA THR B 253 -2.75 -5.16 -24.79
C THR B 253 -2.86 -5.94 -23.46
N ASN B 254 -3.84 -5.60 -22.60
CA ASN B 254 -4.07 -6.25 -21.30
C ASN B 254 -2.83 -6.27 -20.42
N LYS B 255 -2.09 -5.16 -20.39
CA LYS B 255 -0.88 -5.06 -19.58
C LYS B 255 -1.29 -4.76 -18.16
N LYS B 256 -0.80 -5.55 -17.20
CA LYS B 256 -1.20 -5.41 -15.80
C LYS B 256 -0.58 -4.24 -15.06
N MET B 257 0.69 -3.94 -15.30
CA MET B 257 1.38 -2.86 -14.60
C MET B 257 2.04 -1.95 -15.63
N ILE B 258 1.47 -0.77 -15.86
CA ILE B 258 1.96 0.18 -16.85
C ILE B 258 2.72 1.31 -16.17
N PHE B 259 4.05 1.28 -16.25
CA PHE B 259 4.88 2.34 -15.71
C PHE B 259 5.09 3.36 -16.81
N VAL B 260 5.06 4.65 -16.48
CA VAL B 260 5.32 5.70 -17.46
C VAL B 260 6.41 6.61 -16.89
N PRO B 261 7.61 6.65 -17.53
CA PRO B 261 8.07 5.83 -18.66
C PRO B 261 8.38 4.40 -18.20
N SER B 262 8.30 3.43 -19.12
CA SER B 262 8.52 2.02 -18.77
C SER B 262 9.87 1.74 -18.13
N TYR B 263 10.87 2.59 -18.41
CA TYR B 263 12.19 2.43 -17.82
C TYR B 263 12.24 2.75 -16.32
N TYR B 264 11.09 3.13 -15.69
CA TYR B 264 11.07 3.31 -14.23
C TYR B 264 11.40 1.95 -13.54
N ASN B 265 11.10 0.82 -14.22
CA ASN B 265 11.42 -0.54 -13.79
C ASN B 265 12.88 -0.72 -13.42
N ILE B 266 13.81 0.05 -14.02
CA ILE B 266 15.22 -0.06 -13.65
C ILE B 266 15.39 0.51 -12.25
N TYR B 267 14.82 1.69 -11.97
CA TYR B 267 14.88 2.31 -10.63
C TYR B 267 14.16 1.47 -9.58
N LEU B 268 13.11 0.75 -9.98
CA LEU B 268 12.35 -0.16 -9.14
C LEU B 268 13.24 -1.33 -8.69
N ILE B 269 14.05 -1.88 -9.60
CA ILE B 269 14.96 -2.98 -9.28
C ILE B 269 16.15 -2.47 -8.47
N LEU B 270 16.66 -1.27 -8.77
CA LEU B 270 17.76 -0.69 -7.99
C LEU B 270 17.34 -0.46 -6.53
N ASP B 271 16.07 -0.04 -6.30
CA ASP B 271 15.53 0.19 -4.94
C ASP B 271 15.42 -1.10 -4.11
N LYS B 272 15.47 -2.29 -4.75
CA LYS B 272 15.35 -3.56 -4.06
C LYS B 272 16.68 -4.23 -3.78
N PHE B 273 17.72 -3.93 -4.58
CA PHE B 273 18.99 -4.64 -4.43
C PHE B 273 20.18 -3.75 -4.06
N LEU B 274 20.08 -2.45 -4.29
CA LEU B 274 21.19 -1.54 -3.95
C LEU B 274 21.25 -1.26 -2.44
N PRO B 275 22.47 -1.10 -1.89
CA PRO B 275 22.58 -0.78 -0.46
C PRO B 275 22.09 0.64 -0.12
N GLU B 276 21.93 0.95 1.17
CA GLU B 276 21.45 2.26 1.60
C GLU B 276 22.27 3.44 1.06
N ARG B 277 23.60 3.30 1.03
CA ARG B 277 24.55 4.31 0.55
C ARG B 277 24.30 4.66 -0.92
N ALA B 278 24.14 3.64 -1.78
CA ALA B 278 23.94 3.82 -3.22
C ALA B 278 22.58 4.44 -3.54
N LEU B 279 21.55 4.10 -2.74
CA LEU B 279 20.21 4.62 -2.91
C LEU B 279 20.14 6.11 -2.54
N ALA B 280 20.91 6.53 -1.52
CA ALA B 280 20.97 7.94 -1.11
C ALA B 280 21.78 8.80 -2.11
N ALA B 281 22.70 8.15 -2.87
CA ALA B 281 23.50 8.82 -3.90
C ALA B 281 22.63 9.10 -5.13
N ILE B 282 21.77 8.14 -5.50
CA ILE B 282 20.84 8.28 -6.62
C ILE B 282 19.76 9.31 -6.23
N ASN B 283 19.28 9.28 -4.97
CA ASN B 283 18.28 10.19 -4.41
C ASN B 283 18.72 11.65 -4.50
N HIS B 284 19.99 11.93 -4.18
CA HIS B 284 20.54 13.27 -4.24
C HIS B 284 20.64 13.74 -5.68
N LEU B 285 21.04 12.85 -6.58
CA LEU B 285 21.15 13.10 -8.00
C LEU B 285 19.78 13.41 -8.62
N GLN B 286 18.71 12.76 -8.10
CA GLN B 286 17.33 12.94 -8.54
C GLN B 286 16.82 14.36 -8.29
N ASN B 287 17.20 14.97 -7.14
CA ASN B 287 16.85 16.34 -6.74
C ASN B 287 15.36 16.64 -6.95
N ILE B 288 14.47 15.80 -6.39
CA ILE B 288 13.02 15.99 -6.52
C ILE B 288 12.61 17.27 -5.83
N GLN B 289 11.88 18.11 -6.54
CA GLN B 289 11.35 19.36 -6.03
C GLN B 289 9.88 19.50 -6.43
N PHE B 290 9.08 20.15 -5.58
CA PHE B 290 7.65 20.43 -5.76
C PHE B 290 7.18 21.27 -4.56
N GLU B 291 6.14 22.12 -4.73
CA GLU B 291 5.65 22.90 -3.60
C GLU B 291 5.03 21.97 -2.53
N ALA B 292 5.45 22.17 -1.26
CA ALA B 292 5.01 21.42 -0.10
C ALA B 292 5.16 22.25 1.18
N VAL B 293 4.25 22.05 2.14
CA VAL B 293 4.33 22.78 3.40
C VAL B 293 5.33 22.06 4.27
N ILE B 294 6.50 22.65 4.47
CA ILE B 294 7.54 22.05 5.30
C ILE B 294 7.81 22.89 6.54
N GLY B 295 7.57 22.31 7.69
CA GLY B 295 7.77 22.98 8.97
C GLY B 295 6.77 24.12 9.11
N HIS B 296 5.50 23.83 8.75
CA HIS B 296 4.36 24.75 8.76
C HIS B 296 4.59 26.02 7.90
N LYS B 297 5.52 25.94 6.92
CA LYS B 297 5.86 27.04 6.02
C LYS B 297 5.92 26.48 4.59
N THR B 298 5.22 27.10 3.64
CA THR B 298 5.17 26.64 2.26
C THR B 298 6.53 26.80 1.55
N ARG B 299 7.27 25.67 1.41
CA ARG B 299 8.59 25.62 0.77
C ARG B 299 8.50 24.76 -0.52
PA NAD C . -5.09 -10.82 17.80
O1A NAD C . -4.37 -11.86 18.58
O2A NAD C . -6.51 -11.03 17.41
O5B NAD C . -5.02 -9.48 18.66
C5B NAD C . -5.26 -8.21 18.05
C4B NAD C . -5.49 -7.26 19.19
O4B NAD C . -5.78 -5.95 18.66
C3B NAD C . -6.68 -7.65 20.09
O3B NAD C . -6.34 -7.70 21.47
C2B NAD C . -7.73 -6.59 19.77
O2B NAD C . -8.55 -6.29 20.90
C1B NAD C . -6.85 -5.41 19.42
N9A NAD C . -7.51 -4.38 18.62
C8A NAD C . -8.37 -4.59 17.58
N7A NAD C . -8.97 -3.50 17.16
C5A NAD C . -8.47 -2.51 17.99
C6A NAD C . -8.79 -1.15 18.12
N6A NAD C . -9.66 -0.50 17.35
N1A NAD C . -8.17 -0.45 19.12
C2A NAD C . -7.31 -1.10 19.92
N3A NAD C . -6.94 -2.38 19.88
C4A NAD C . -7.56 -3.04 18.89
O3 NAD C . -4.22 -10.45 16.51
PN NAD C . -2.68 -10.60 16.11
O1N NAD C . -1.81 -10.37 17.27
O2N NAD C . -2.51 -11.85 15.31
O5D NAD C . -2.50 -9.34 15.16
C5D NAD C . -1.69 -8.21 15.56
C4D NAD C . -1.19 -7.48 14.34
O4D NAD C . -0.40 -8.37 13.52
C3D NAD C . -2.28 -6.92 13.41
O3D NAD C . -1.92 -5.64 12.89
C2D NAD C . -2.34 -7.97 12.29
O2D NAD C . -2.92 -7.42 11.12
C1D NAD C . -0.86 -8.33 12.20
N1N NAD C . -0.60 -9.66 11.55
C2N NAD C . -1.19 -10.75 12.05
C3N NAD C . -1.01 -11.98 11.43
C7N NAD C . -1.73 -13.20 11.95
O7N NAD C . -1.85 -14.19 11.21
N7N NAD C . -2.19 -13.17 13.19
C4N NAD C . -0.18 -12.05 10.32
C5N NAD C . 0.42 -10.90 9.84
C6N NAD C . 0.22 -9.71 10.49
PA NAD D . -5.81 16.86 -12.08
O1A NAD D . -5.36 17.46 -13.35
O2A NAD D . -5.87 17.70 -10.86
O5B NAD D . -7.23 16.21 -12.36
C5B NAD D . -7.84 15.43 -11.32
C4B NAD D . -9.32 15.42 -11.58
O4B NAD D . -9.97 14.64 -10.55
C3B NAD D . -9.98 16.81 -11.57
O3B NAD D . -10.81 17.00 -12.70
C2B NAD D . -10.76 16.80 -10.24
O2B NAD D . -11.90 17.64 -10.22
C1B NAD D . -11.13 15.33 -10.15
N9A NAD D . -11.51 14.88 -8.81
C8A NAD D . -10.87 15.17 -7.64
N7A NAD D . -11.49 14.74 -6.57
C5A NAD D . -12.62 14.12 -7.08
C6A NAD D . -13.73 13.51 -6.46
N6A NAD D . -13.91 13.48 -5.14
N1A NAD D . -14.71 13.04 -7.25
C2A NAD D . -14.59 13.17 -8.58
N3A NAD D . -13.59 13.73 -9.27
C4A NAD D . -12.64 14.19 -8.46
O3 NAD D . -4.96 15.54 -11.75
PN NAD D . -4.12 14.44 -12.56
O1N NAD D . -4.80 14.15 -13.83
O2N NAD D . -2.70 14.87 -12.57
O5D NAD D . -4.22 13.16 -11.61
C5D NAD D . -5.13 12.06 -11.88
C4D NAD D . -4.66 10.83 -11.14
O4D NAD D . -3.31 10.51 -11.53
C3D NAD D . -4.66 10.91 -9.61
O3D NAD D . -5.10 9.69 -9.03
C2D NAD D . -3.19 11.16 -9.29
O2D NAD D . -2.85 10.75 -7.98
C1D NAD D . -2.52 10.34 -10.40
N1N NAD D . -1.13 10.78 -10.70
C2N NAD D . -0.89 12.05 -11.10
C3N NAD D . 0.41 12.50 -11.26
C7N NAD D . 0.72 13.93 -11.62
O7N NAD D . 1.86 14.38 -11.40
N7N NAD D . -0.24 14.66 -12.17
C4N NAD D . 1.45 11.60 -11.05
C5N NAD D . 1.18 10.30 -10.68
C6N NAD D . -0.13 9.90 -10.52
#